data_7YTA
#
_entry.id   7YTA
#
_cell.length_a   70.741
_cell.length_b   70.741
_cell.length_c   217.989
_cell.angle_alpha   90.000
_cell.angle_beta   90.000
_cell.angle_gamma   90.000
#
_symmetry.space_group_name_H-M   'P 41 21 2'
#
loop_
_entity.id
_entity.type
_entity.pdbx_description
1 polymer 'AGDP3 AGD1-2'
2 polymer 'H3(1-15)K9me2 peptide'
3 water water
#
loop_
_entity_poly.entity_id
_entity_poly.type
_entity_poly.pdbx_seq_one_letter_code
_entity_poly.pdbx_strand_id
1 'polypeptide(L)'
;SMRGGRHQKYSHIAKGSIVEVTSDEEGFKGVWFEATVLGASSPGSKSKEVWVEYKSIVAEENGSEPLKEVLHVSFIRPVP
PVEKIERFELYDVVDAFHKDGWWTGVVTRVMEDSRYQVTFDNPPDELEFGVSELRFHQKWVKGKWVRPGKQ
;
A,B,C
2 'polypeptide(L)' ARTKQTAR(MLY)STGGKA P,Q,R
#
# COMPACT_ATOMS: atom_id res chain seq x y z
N SER A 11 -2.11 -24.34 32.00
CA SER A 11 -2.98 -23.35 32.63
C SER A 11 -4.30 -23.21 31.87
N HIS A 12 -4.21 -23.19 30.54
CA HIS A 12 -5.40 -23.10 29.70
C HIS A 12 -6.13 -24.45 29.64
N ILE A 13 -5.53 -25.46 30.27
CA ILE A 13 -6.12 -26.80 30.29
C ILE A 13 -7.10 -26.93 31.46
N ALA A 14 -6.91 -26.10 32.48
CA ALA A 14 -7.74 -26.14 33.69
C ALA A 14 -9.22 -26.08 33.38
N LYS A 15 -10.02 -26.76 34.20
CA LYS A 15 -11.45 -26.90 34.01
C LYS A 15 -12.18 -25.56 33.96
N GLY A 16 -12.98 -25.37 32.91
CA GLY A 16 -13.77 -24.16 32.75
C GLY A 16 -13.08 -23.07 31.94
N SER A 17 -11.78 -23.25 31.70
CA SER A 17 -11.03 -22.25 30.95
C SER A 17 -11.43 -22.26 29.48
N ILE A 18 -11.57 -21.07 28.90
CA ILE A 18 -11.97 -20.92 27.51
C ILE A 18 -10.78 -21.19 26.58
N VAL A 19 -11.01 -21.98 25.54
CA VAL A 19 -9.94 -22.36 24.62
C VAL A 19 -10.39 -22.34 23.16
N GLU A 20 -9.44 -22.62 22.27
CA GLU A 20 -9.69 -22.87 20.86
C GLU A 20 -9.12 -24.23 20.50
N VAL A 21 -9.85 -24.98 19.68
CA VAL A 21 -9.46 -26.34 19.34
C VAL A 21 -9.45 -26.57 17.84
N THR A 22 -8.57 -27.45 17.38
CA THR A 22 -8.47 -27.76 15.95
C THR A 22 -8.48 -29.26 15.70
N SER A 23 -8.61 -29.64 14.43
CA SER A 23 -8.63 -31.03 14.06
C SER A 23 -7.73 -31.26 12.84
N ASP A 24 -7.34 -32.52 12.67
CA ASP A 24 -6.58 -32.91 11.50
C ASP A 24 -7.33 -33.78 10.52
N GLU A 25 -8.62 -34.00 10.74
CA GLU A 25 -9.44 -34.76 9.81
C GLU A 25 -9.43 -33.89 8.60
N GLU A 26 -9.38 -34.45 7.41
CA GLU A 26 -9.23 -33.62 6.23
C GLU A 26 -10.45 -32.76 6.06
N GLY A 27 -10.23 -31.55 5.62
CA GLY A 27 -11.25 -30.55 5.51
C GLY A 27 -11.36 -29.72 6.75
N PHE A 28 -10.63 -30.11 7.78
CA PHE A 28 -10.63 -29.35 9.02
C PHE A 28 -9.32 -28.73 9.37
N LYS A 29 -8.25 -29.10 8.69
CA LYS A 29 -6.94 -28.64 9.10
C LYS A 29 -6.82 -27.15 8.81
N GLY A 30 -6.49 -26.37 9.82
CA GLY A 30 -6.30 -24.95 9.67
C GLY A 30 -7.38 -24.15 10.38
N VAL A 31 -8.41 -24.85 10.83
CA VAL A 31 -9.56 -24.20 11.46
C VAL A 31 -9.52 -24.31 12.98
N TRP A 32 -9.88 -23.21 13.64
CA TRP A 32 -9.93 -23.18 15.09
C TRP A 32 -11.32 -22.80 15.58
N PHE A 33 -11.90 -23.70 16.38
CA PHE A 33 -13.24 -23.50 16.92
C PHE A 33 -13.17 -23.14 18.41
N GLU A 34 -14.04 -22.24 18.84
CA GLU A 34 -14.07 -21.85 20.25
C GLU A 34 -14.73 -22.93 21.10
N ALA A 35 -14.09 -23.28 22.20
CA ALA A 35 -14.60 -24.32 23.08
C ALA A 35 -14.32 -23.99 24.54
N THR A 36 -14.92 -24.76 25.44
CA THR A 36 -14.69 -24.62 26.87
C THR A 36 -14.25 -25.96 27.45
N VAL A 37 -13.22 -25.95 28.28
CA VAL A 37 -12.72 -27.16 28.91
C VAL A 37 -13.71 -27.70 29.95
N LEU A 38 -13.97 -29.00 29.91
CA LEU A 38 -14.83 -29.68 30.89
C LEU A 38 -13.99 -30.53 31.83
N GLY A 39 -12.96 -31.17 31.28
CA GLY A 39 -12.06 -31.99 32.07
C GLY A 39 -10.79 -32.33 31.31
N ALA A 40 -9.81 -32.85 32.03
CA ALA A 40 -8.55 -33.24 31.42
C ALA A 40 -7.96 -34.45 32.13
N SER A 41 -7.13 -35.18 31.43
CA SER A 41 -6.37 -36.23 32.03
C SER A 41 -5.35 -35.58 32.91
N SER A 42 -5.10 -36.16 34.09
CA SER A 42 -4.16 -35.57 35.05
C SER A 42 -2.72 -35.50 34.50
N LYS A 46 -0.60 -41.11 30.91
CA LYS A 46 -0.20 -41.39 29.55
C LYS A 46 -0.99 -40.62 28.52
N SER A 47 -2.30 -40.56 28.70
CA SER A 47 -3.17 -40.06 27.65
C SER A 47 -2.93 -38.60 27.28
N LYS A 48 -2.83 -37.74 28.27
CA LYS A 48 -2.75 -36.31 28.06
C LYS A 48 -3.87 -35.74 27.18
N GLU A 49 -5.11 -36.10 27.44
CA GLU A 49 -6.25 -35.67 26.65
C GLU A 49 -7.02 -34.55 27.35
N VAL A 50 -7.85 -33.85 26.58
CA VAL A 50 -8.68 -32.77 27.10
C VAL A 50 -10.11 -32.97 26.61
N TRP A 51 -11.06 -32.85 27.53
CA TRP A 51 -12.47 -32.96 27.23
C TRP A 51 -13.02 -31.55 27.05
N VAL A 52 -13.68 -31.28 25.92
CA VAL A 52 -14.17 -29.93 25.65
C VAL A 52 -15.60 -29.90 25.11
N GLU A 53 -16.24 -28.75 25.29
CA GLU A 53 -17.56 -28.48 24.72
C GLU A 53 -17.50 -27.26 23.82
N TYR A 54 -17.86 -27.44 22.54
CA TYR A 54 -17.82 -26.34 21.58
C TYR A 54 -18.82 -25.25 21.94
N LYS A 55 -18.57 -24.04 21.44
CA LYS A 55 -19.44 -22.90 21.72
C LYS A 55 -20.48 -22.71 20.61
N SER A 56 -20.13 -23.10 19.39
CA SER A 56 -20.99 -22.87 18.23
C SER A 56 -21.21 -24.13 17.40
N ILE A 57 -20.49 -25.20 17.73
CA ILE A 57 -20.68 -26.47 17.04
C ILE A 57 -21.60 -27.38 17.86
N VAL A 58 -22.52 -28.05 17.18
CA VAL A 58 -23.51 -28.90 17.83
C VAL A 58 -23.35 -30.36 17.46
N ALA A 59 -23.92 -31.22 18.30
CA ALA A 59 -23.72 -32.66 18.24
C ALA A 59 -24.17 -33.29 16.95
N GLU A 60 -25.29 -32.81 16.41
CA GLU A 60 -25.79 -33.26 15.11
C GLU A 60 -27.09 -32.56 14.80
N GLU A 61 -27.55 -32.63 13.56
CA GLU A 61 -28.85 -32.11 13.17
C GLU A 61 -29.23 -30.67 13.45
N ASN A 62 -30.47 -30.49 13.86
CA ASN A 62 -30.97 -29.14 14.14
C ASN A 62 -30.15 -28.62 15.26
N GLY A 63 -29.89 -29.48 16.23
CA GLY A 63 -28.99 -29.09 17.27
C GLY A 63 -29.41 -28.35 18.49
N SER A 64 -29.52 -29.08 19.58
CA SER A 64 -29.77 -28.42 20.84
C SER A 64 -28.59 -28.63 21.75
N GLU A 65 -27.79 -29.66 21.48
CA GLU A 65 -26.68 -29.98 22.37
C GLU A 65 -25.33 -29.58 21.78
N PRO A 66 -24.56 -28.72 22.48
CA PRO A 66 -23.24 -28.45 21.93
C PRO A 66 -22.43 -29.66 21.85
N LEU A 67 -21.67 -29.81 20.79
CA LEU A 67 -20.81 -30.97 20.61
C LEU A 67 -19.75 -31.06 21.70
N LYS A 68 -19.51 -32.26 22.19
CA LYS A 68 -18.41 -32.50 23.11
C LYS A 68 -17.40 -33.39 22.44
N GLU A 69 -16.13 -33.22 22.78
CA GLU A 69 -15.07 -33.94 22.10
C GLU A 69 -13.89 -34.17 23.04
N VAL A 70 -13.19 -35.28 22.84
CA VAL A 70 -11.97 -35.53 23.60
C VAL A 70 -10.78 -35.47 22.66
N LEU A 71 -9.98 -34.43 22.79
CA LEU A 71 -8.88 -34.17 21.87
C LEU A 71 -7.54 -34.29 22.57
N HIS A 72 -6.49 -34.59 21.80
CA HIS A 72 -5.15 -34.55 22.36
C HIS A 72 -4.81 -33.11 22.69
N VAL A 73 -3.91 -32.91 23.65
CA VAL A 73 -3.60 -31.57 24.13
C VAL A 73 -2.93 -30.74 23.05
N SER A 74 -2.43 -31.41 22.02
CA SER A 74 -1.78 -30.75 20.89
C SER A 74 -2.76 -29.89 20.10
N PHE A 75 -4.03 -30.28 20.11
CA PHE A 75 -5.06 -29.60 19.32
C PHE A 75 -5.81 -28.54 20.12
N ILE A 76 -5.29 -28.19 21.29
CA ILE A 76 -5.94 -27.20 22.14
C ILE A 76 -4.98 -26.05 22.45
N ARG A 77 -5.48 -24.83 22.36
CA ARG A 77 -4.67 -23.65 22.67
C ARG A 77 -5.56 -22.63 23.37
N PRO A 78 -4.97 -21.66 24.07
CA PRO A 78 -5.85 -20.65 24.68
C PRO A 78 -6.44 -19.72 23.63
N VAL A 79 -7.44 -18.93 24.01
CA VAL A 79 -8.00 -17.94 23.10
C VAL A 79 -7.06 -16.74 22.96
N PRO A 80 -6.71 -16.39 21.71
CA PRO A 80 -5.82 -15.26 21.45
C PRO A 80 -6.41 -13.97 22.00
N PRO A 81 -5.58 -13.16 22.67
CA PRO A 81 -6.05 -11.87 23.21
C PRO A 81 -6.74 -11.04 22.14
N VAL A 82 -7.83 -10.38 22.52
CA VAL A 82 -8.58 -9.57 21.56
C VAL A 82 -8.01 -8.15 21.47
N GLU A 83 -7.85 -7.65 20.25
CA GLU A 83 -7.29 -6.33 20.03
C GLU A 83 -8.31 -5.37 19.44
N LYS A 84 -8.14 -4.08 19.76
CA LYS A 84 -8.85 -3.04 19.04
C LYS A 84 -8.24 -2.90 17.65
N ILE A 85 -9.05 -3.16 16.63
CA ILE A 85 -8.58 -3.12 15.25
C ILE A 85 -9.52 -2.32 14.36
N GLU A 86 -9.07 -1.16 13.89
CA GLU A 86 -9.88 -0.34 12.98
C GLU A 86 -9.62 -0.67 11.52
N ARG A 87 -8.40 -1.09 11.19
CA ARG A 87 -8.07 -1.38 9.81
C ARG A 87 -6.96 -2.41 9.65
N PHE A 88 -7.05 -3.20 8.58
CA PHE A 88 -5.98 -4.10 8.19
C PHE A 88 -5.32 -3.56 6.93
N GLU A 89 -4.05 -3.88 6.74
CA GLU A 89 -3.33 -3.41 5.56
C GLU A 89 -3.25 -4.53 4.53
N LEU A 90 -2.91 -4.17 3.30
CA LEU A 90 -2.78 -5.16 2.24
C LEU A 90 -1.68 -6.16 2.60
N TYR A 91 -1.97 -7.43 2.33
CA TYR A 91 -1.05 -8.55 2.58
C TYR A 91 -0.91 -8.91 4.06
N ASP A 92 -1.75 -8.32 4.91
CA ASP A 92 -1.83 -8.73 6.30
C ASP A 92 -2.32 -10.17 6.42
N VAL A 93 -1.64 -10.96 7.24
CA VAL A 93 -2.06 -12.33 7.49
C VAL A 93 -3.09 -12.33 8.61
N VAL A 94 -4.24 -12.93 8.33
CA VAL A 94 -5.43 -12.67 9.11
C VAL A 94 -6.21 -13.96 9.43
N ASP A 95 -6.94 -13.93 10.55
CA ASP A 95 -7.95 -14.93 10.86
C ASP A 95 -9.34 -14.36 10.60
N ALA A 96 -10.13 -15.11 9.85
CA ALA A 96 -11.51 -14.73 9.52
C ALA A 96 -12.50 -15.67 10.18
N PHE A 97 -13.50 -15.11 10.84
CA PHE A 97 -14.54 -15.94 11.45
C PHE A 97 -15.59 -16.29 10.40
N HIS A 98 -15.53 -17.54 9.94
CA HIS A 98 -16.35 -18.03 8.84
C HIS A 98 -16.88 -19.42 9.19
N LYS A 99 -18.20 -19.61 8.99
CA LYS A 99 -18.88 -20.85 9.34
C LYS A 99 -18.58 -21.28 10.77
N ASP A 100 -18.68 -20.33 11.69
CA ASP A 100 -18.43 -20.56 13.11
C ASP A 100 -17.05 -21.14 13.41
N GLY A 101 -16.08 -20.88 12.53
CA GLY A 101 -14.71 -21.30 12.77
C GLY A 101 -13.71 -20.26 12.31
N TRP A 102 -12.50 -20.28 12.87
CA TRP A 102 -11.48 -19.32 12.49
C TRP A 102 -10.60 -19.88 11.38
N TRP A 103 -10.59 -19.20 10.23
CA TRP A 103 -9.80 -19.63 9.09
C TRP A 103 -8.67 -18.65 8.80
N THR A 104 -7.47 -19.17 8.54
CA THR A 104 -6.34 -18.31 8.27
C THR A 104 -6.20 -18.03 6.77
N GLY A 105 -6.07 -16.75 6.42
CA GLY A 105 -5.87 -16.37 5.04
C GLY A 105 -5.06 -15.08 4.96
N VAL A 106 -4.92 -14.53 3.76
CA VAL A 106 -4.15 -13.30 3.61
C VAL A 106 -4.95 -12.23 2.88
N VAL A 107 -4.88 -10.98 3.34
CA VAL A 107 -5.61 -9.90 2.68
C VAL A 107 -5.04 -9.64 1.30
N THR A 108 -5.84 -9.85 0.26
CA THR A 108 -5.37 -9.69 -1.11
C THR A 108 -5.95 -8.46 -1.80
N ARG A 109 -6.91 -7.82 -1.14
CA ARG A 109 -7.46 -6.57 -1.63
C ARG A 109 -8.17 -5.79 -0.53
N VAL A 110 -7.81 -4.52 -0.37
CA VAL A 110 -8.52 -3.62 0.52
C VAL A 110 -9.70 -2.99 -0.22
N MET A 111 -10.92 -3.26 0.25
CA MET A 111 -12.12 -2.73 -0.37
C MET A 111 -12.64 -1.49 0.37
N GLU A 112 -13.68 -0.88 -0.17
CA GLU A 112 -14.31 0.27 0.45
C GLU A 112 -15.25 -0.15 1.58
N ASP A 113 -15.65 0.81 2.41
CA ASP A 113 -16.54 0.59 3.53
C ASP A 113 -15.97 -0.37 4.57
N SER A 114 -14.67 -0.21 4.87
CA SER A 114 -13.99 -1.03 5.86
C SER A 114 -14.18 -2.53 5.64
N ARG A 115 -14.05 -2.95 4.37
CA ARG A 115 -14.17 -4.36 4.02
C ARG A 115 -12.89 -4.84 3.35
N TYR A 116 -12.68 -6.16 3.37
CA TYR A 116 -11.45 -6.75 2.88
C TYR A 116 -11.71 -8.03 2.11
N GLN A 117 -10.88 -8.29 1.10
CA GLN A 117 -10.87 -9.59 0.46
C GLN A 117 -9.74 -10.43 1.05
N VAL A 118 -10.08 -11.63 1.48
CA VAL A 118 -9.09 -12.54 2.04
C VAL A 118 -9.00 -13.80 1.19
N THR A 119 -7.76 -14.19 0.90
CA THR A 119 -7.48 -15.38 0.10
C THR A 119 -7.09 -16.54 1.01
N PHE A 120 -7.79 -17.66 0.83
CA PHE A 120 -7.54 -18.88 1.58
C PHE A 120 -7.02 -19.98 0.67
N ASP A 121 -6.40 -20.99 1.27
CA ASP A 121 -5.93 -22.16 0.53
C ASP A 121 -6.55 -23.42 1.13
N ASN A 122 -6.40 -24.54 0.43
CA ASN A 122 -6.86 -25.86 0.88
C ASN A 122 -8.29 -25.89 1.42
N PRO A 123 -9.28 -25.72 0.54
CA PRO A 123 -9.17 -25.46 -0.90
C PRO A 123 -8.98 -23.98 -1.20
N PRO A 124 -8.38 -23.65 -2.36
CA PRO A 124 -8.21 -22.24 -2.77
C PRO A 124 -9.54 -21.50 -2.79
N ASP A 125 -9.57 -20.31 -2.21
CA ASP A 125 -10.81 -19.52 -2.20
C ASP A 125 -10.55 -18.04 -1.93
N GLU A 126 -11.54 -17.21 -2.26
CA GLU A 126 -11.46 -15.77 -1.97
C GLU A 126 -12.79 -15.32 -1.38
N LEU A 127 -12.76 -14.73 -0.19
CA LEU A 127 -14.00 -14.29 0.45
C LEU A 127 -13.95 -12.83 0.89
N GLU A 128 -15.13 -12.22 1.00
CA GLU A 128 -15.24 -10.87 1.51
C GLU A 128 -15.57 -10.87 2.99
N PHE A 129 -14.91 -10.00 3.75
CA PHE A 129 -15.19 -9.87 5.18
C PHE A 129 -15.21 -8.42 5.60
N GLY A 130 -16.00 -8.11 6.64
CA GLY A 130 -15.93 -6.80 7.27
C GLY A 130 -14.75 -6.80 8.23
N VAL A 131 -14.48 -5.66 8.84
CA VAL A 131 -13.37 -5.55 9.79
C VAL A 131 -13.63 -6.37 11.05
N SER A 132 -14.89 -6.45 11.47
CA SER A 132 -15.24 -7.10 12.73
C SER A 132 -15.10 -8.62 12.67
N GLU A 133 -15.09 -9.17 11.46
CA GLU A 133 -15.01 -10.61 11.27
C GLU A 133 -13.55 -11.08 11.22
N LEU A 134 -12.63 -10.13 11.37
CA LEU A 134 -11.21 -10.43 11.25
C LEU A 134 -10.43 -10.17 12.53
N ARG A 135 -9.29 -10.83 12.66
CA ARG A 135 -8.33 -10.58 13.73
C ARG A 135 -6.95 -10.93 13.18
N PHE A 136 -5.88 -10.53 13.88
CA PHE A 136 -4.54 -10.89 13.40
C PHE A 136 -4.26 -12.37 13.60
N HIS A 137 -3.60 -12.99 12.62
CA HIS A 137 -3.25 -14.40 12.71
C HIS A 137 -2.07 -14.61 13.65
N GLN A 138 -2.28 -15.45 14.67
CA GLN A 138 -1.22 -15.79 15.61
C GLN A 138 -1.21 -17.30 15.84
N LYS A 139 -0.03 -17.89 15.79
CA LYS A 139 0.13 -19.30 16.11
C LYS A 139 0.59 -19.43 17.55
N TRP A 140 0.11 -20.45 18.25
CA TRP A 140 0.54 -20.66 19.62
C TRP A 140 1.72 -21.63 19.63
N VAL A 141 2.91 -21.08 19.82
CA VAL A 141 4.14 -21.86 19.80
C VAL A 141 4.95 -21.67 21.08
N LYS A 142 5.27 -22.79 21.73
CA LYS A 142 6.09 -22.78 22.94
C LYS A 142 5.54 -21.85 24.02
N GLY A 143 4.23 -21.91 24.25
CA GLY A 143 3.59 -21.09 25.27
C GLY A 143 3.59 -19.61 24.96
N LYS A 144 3.85 -19.28 23.70
CA LYS A 144 3.88 -17.88 23.28
C LYS A 144 3.01 -17.65 22.05
N TRP A 145 2.38 -16.49 21.96
CA TRP A 145 1.68 -16.13 20.74
C TRP A 145 2.66 -15.54 19.74
N VAL A 146 2.64 -16.07 18.53
CA VAL A 146 3.62 -15.73 17.51
C VAL A 146 2.96 -15.26 16.21
N ARG A 147 3.33 -14.06 15.76
CA ARG A 147 2.89 -13.58 14.46
C ARG A 147 3.90 -14.00 13.39
N PRO A 148 3.44 -14.26 12.15
CA PRO A 148 4.33 -14.73 11.10
C PRO A 148 5.28 -13.65 10.59
N ALA B 1 -24.38 -23.36 16.48
CA ALA B 1 -25.34 -22.94 15.46
C ALA B 1 -25.14 -23.71 14.16
N ARG B 2 -24.41 -24.81 14.24
CA ARG B 2 -24.16 -25.66 13.09
C ARG B 2 -23.44 -26.94 13.51
N THR B 3 -23.69 -28.04 12.81
CA THR B 3 -22.97 -29.28 13.10
C THR B 3 -21.54 -29.13 12.62
N LYS B 4 -20.70 -30.10 12.96
CA LYS B 4 -19.28 -29.97 12.67
C LYS B 4 -19.03 -30.08 11.16
N GLN B 5 -19.88 -30.83 10.46
CA GLN B 5 -19.66 -31.08 9.04
C GLN B 5 -20.19 -29.97 8.10
N THR B 6 -21.08 -29.13 8.60
CA THR B 6 -21.53 -27.98 7.82
C THR B 6 -20.58 -26.81 8.07
N ALA B 7 -19.62 -27.05 8.95
CA ALA B 7 -18.54 -26.11 9.22
C ALA B 7 -17.35 -26.38 8.29
N ARG B 8 -17.21 -27.64 7.86
CA ARG B 8 -16.14 -28.01 6.95
C ARG B 8 -16.37 -27.41 5.57
N MLY B 9 -15.27 -27.23 4.85
CA MLY B 9 -15.29 -26.59 3.55
CB MLY B 9 -14.11 -25.65 3.43
CG MLY B 9 -14.29 -24.61 2.37
CD MLY B 9 -13.11 -23.69 2.31
CE MLY B 9 -13.11 -22.69 3.43
NZ MLY B 9 -12.18 -21.58 3.09
CH1 MLY B 9 -12.21 -20.61 4.19
CH2 MLY B 9 -10.84 -22.17 3.04
C MLY B 9 -15.33 -27.53 2.34
O MLY B 9 -14.76 -28.62 2.35
N SER B 10 -16.03 -27.03 1.32
CA SER B 10 -16.09 -27.47 -0.09
C SER B 10 -17.52 -27.24 -0.58
N HIS C 12 -8.57 26.42 -20.39
CA HIS C 12 -7.37 26.75 -19.63
C HIS C 12 -7.74 27.68 -18.48
N ILE C 13 -6.76 28.21 -17.75
CA ILE C 13 -7.05 29.01 -16.57
C ILE C 13 -6.57 30.45 -16.69
N ALA C 14 -7.52 31.36 -16.81
CA ALA C 14 -7.25 32.79 -16.77
C ALA C 14 -8.28 33.44 -15.86
N LYS C 15 -8.61 34.68 -16.18
CA LYS C 15 -9.62 35.48 -15.47
C LYS C 15 -10.79 34.70 -14.86
N GLY C 16 -11.09 35.01 -13.61
CA GLY C 16 -12.22 34.40 -12.91
C GLY C 16 -12.00 33.00 -12.39
N SER C 17 -10.91 32.36 -12.81
CA SER C 17 -10.67 30.96 -12.46
C SER C 17 -10.19 30.77 -11.03
N ILE C 18 -10.17 29.52 -10.61
CA ILE C 18 -9.65 29.13 -9.31
C ILE C 18 -8.27 28.53 -9.50
N VAL C 19 -7.31 28.89 -8.65
CA VAL C 19 -5.95 28.36 -8.84
C VAL C 19 -5.21 28.01 -7.56
N GLU C 20 -4.11 27.28 -7.74
CA GLU C 20 -3.10 27.13 -6.71
C GLU C 20 -1.81 27.73 -7.25
N VAL C 21 -1.14 28.53 -6.44
CA VAL C 21 0.07 29.22 -6.86
C VAL C 21 1.22 28.88 -5.92
N THR C 22 2.44 29.03 -6.43
CA THR C 22 3.62 28.73 -5.64
C THR C 22 4.70 29.79 -5.85
N SER C 23 5.70 29.75 -4.98
CA SER C 23 6.88 30.57 -5.12
C SER C 23 8.09 29.65 -5.15
N ASP C 24 9.28 30.22 -5.27
CA ASP C 24 10.49 29.43 -5.10
C ASP C 24 11.53 30.19 -4.28
N GLU C 25 11.06 31.18 -3.53
CA GLU C 25 11.90 31.81 -2.52
C GLU C 25 12.17 30.78 -1.43
N GLU C 26 13.09 31.09 -0.52
CA GLU C 26 13.47 30.14 0.52
C GLU C 26 12.28 29.94 1.47
N GLY C 27 11.99 28.68 1.82
CA GLY C 27 10.88 28.39 2.71
C GLY C 27 9.51 28.40 2.05
N PHE C 28 9.47 28.38 0.72
CA PHE C 28 8.21 28.39 -0.02
C PHE C 28 8.19 27.36 -1.15
N LYS C 29 9.37 26.92 -1.57
CA LYS C 29 9.48 25.92 -2.64
C LYS C 29 8.72 24.65 -2.29
N GLY C 30 7.72 24.32 -3.10
CA GLY C 30 6.94 23.11 -2.90
C GLY C 30 5.56 23.38 -2.33
N VAL C 31 5.40 24.51 -1.67
CA VAL C 31 4.14 24.88 -1.04
C VAL C 31 3.19 25.51 -2.05
N TRP C 32 1.91 25.15 -1.97
CA TRP C 32 0.89 25.71 -2.84
C TRP C 32 -0.21 26.39 -2.05
N PHE C 33 -0.53 27.63 -2.43
CA PHE C 33 -1.62 28.37 -1.80
C PHE C 33 -2.75 28.56 -2.79
N GLU C 34 -3.99 28.45 -2.33
CA GLU C 34 -5.12 28.70 -3.22
C GLU C 34 -5.33 30.20 -3.40
N ALA C 35 -5.60 30.59 -4.64
CA ALA C 35 -5.82 31.99 -4.98
C ALA C 35 -6.81 32.12 -6.14
N THR C 36 -7.13 33.36 -6.49
CA THR C 36 -8.03 33.66 -7.58
C THR C 36 -7.35 34.53 -8.64
N VAL C 37 -7.69 34.30 -9.91
CA VAL C 37 -7.10 35.07 -10.99
C VAL C 37 -7.88 36.36 -11.27
N LEU C 38 -7.29 37.48 -10.87
CA LEU C 38 -7.84 38.81 -11.14
C LEU C 38 -7.71 39.16 -12.61
N GLY C 39 -6.54 38.86 -13.18
CA GLY C 39 -6.27 39.15 -14.57
C GLY C 39 -5.10 38.33 -15.08
N ALA C 40 -4.95 38.29 -16.40
CA ALA C 40 -3.88 37.52 -17.01
C ALA C 40 -3.28 38.22 -18.22
N SER C 41 -2.10 37.82 -18.60
CA SER C 41 -1.50 38.39 -19.76
C SER C 41 -2.13 37.83 -21.00
N SER C 42 -1.66 38.27 -22.15
CA SER C 42 -2.21 37.85 -23.42
C SER C 42 -1.83 36.44 -23.81
N PRO C 43 -2.61 35.83 -24.72
CA PRO C 43 -2.30 34.49 -25.17
C PRO C 43 -0.91 34.48 -25.74
N GLY C 44 -0.52 35.58 -26.35
CA GLY C 44 0.80 35.66 -26.94
C GLY C 44 1.57 36.81 -26.41
N SER C 45 2.43 36.55 -25.43
CA SER C 45 3.29 37.60 -24.91
C SER C 45 4.62 36.99 -24.54
N LYS C 46 5.66 37.81 -24.50
CA LYS C 46 6.99 37.31 -24.20
C LYS C 46 7.07 36.74 -22.80
N SER C 47 6.49 37.44 -21.84
CA SER C 47 6.45 36.96 -20.49
C SER C 47 5.01 36.86 -20.21
N LYS C 48 4.58 35.67 -19.81
CA LYS C 48 3.19 35.48 -19.50
C LYS C 48 3.06 35.50 -17.99
N GLU C 49 2.25 36.42 -17.48
CA GLU C 49 2.07 36.54 -16.05
C GLU C 49 0.59 36.53 -15.65
N VAL C 50 0.34 36.19 -14.40
CA VAL C 50 -0.99 36.13 -13.85
C VAL C 50 -1.08 36.97 -12.58
N TRP C 51 -2.06 37.87 -12.56
CA TRP C 51 -2.33 38.69 -11.39
C TRP C 51 -3.29 37.95 -10.48
N VAL C 52 -2.85 37.57 -9.28
CA VAL C 52 -3.71 36.76 -8.41
C VAL C 52 -3.89 37.35 -7.02
N GLU C 53 -5.05 37.05 -6.44
CA GLU C 53 -5.38 37.41 -5.06
C GLU C 53 -5.57 36.15 -4.23
N TYR C 54 -4.71 35.98 -3.24
CA TYR C 54 -4.77 34.80 -2.38
C TYR C 54 -5.99 34.78 -1.45
N LYS C 55 -6.48 33.59 -1.14
CA LYS C 55 -7.29 33.38 0.06
C LYS C 55 -6.33 32.95 1.14
N SER C 56 -6.76 33.01 2.40
CA SER C 56 -5.93 32.50 3.48
C SER C 56 -4.50 33.05 3.53
N ILE C 57 -4.29 34.26 3.03
CA ILE C 57 -3.05 34.98 3.29
C ILE C 57 -3.39 36.47 3.26
N VAL C 58 -2.65 37.27 3.99
CA VAL C 58 -3.01 38.64 4.14
C VAL C 58 -1.80 39.50 3.97
N ALA C 59 -1.96 40.71 3.48
CA ALA C 59 -0.79 41.52 3.16
C ALA C 59 0.11 41.98 4.27
N GLU C 60 -0.42 42.12 5.47
CA GLU C 60 0.35 42.67 6.58
C GLU C 60 0.08 41.96 7.88
N GLU C 61 0.95 42.15 8.86
CA GLU C 61 0.72 41.56 10.17
C GLU C 61 -0.58 42.16 10.63
N ASN C 62 -1.50 41.30 11.06
CA ASN C 62 -2.82 41.76 11.47
C ASN C 62 -3.48 42.52 10.35
N GLY C 63 -3.16 42.19 9.11
CA GLY C 63 -3.71 42.91 7.99
C GLY C 63 -5.14 42.80 7.59
N SER C 64 -5.66 41.58 7.50
CA SER C 64 -7.04 41.37 7.07
C SER C 64 -7.34 41.91 5.69
N GLU C 65 -6.31 42.13 4.88
CA GLU C 65 -6.51 42.56 3.50
C GLU C 65 -5.82 41.46 2.72
N PRO C 66 -6.51 40.79 1.75
CA PRO C 66 -5.79 39.66 1.15
C PRO C 66 -4.60 40.13 0.38
N LEU C 67 -3.48 39.43 0.53
CA LEU C 67 -2.29 39.72 -0.22
C LEU C 67 -2.52 39.35 -1.66
N LYS C 68 -2.02 40.16 -2.59
CA LYS C 68 -2.14 39.81 -4.00
C LYS C 68 -0.79 40.02 -4.67
N GLU C 69 -0.45 39.14 -5.61
CA GLU C 69 0.84 39.24 -6.29
C GLU C 69 0.70 39.03 -7.78
N VAL C 70 1.75 39.38 -8.51
CA VAL C 70 1.85 39.03 -9.92
C VAL C 70 2.87 37.91 -10.06
N LEU C 71 2.48 36.83 -10.72
CA LEU C 71 3.32 35.64 -10.77
C LEU C 71 3.55 35.16 -12.20
N HIS C 72 4.70 34.51 -12.43
CA HIS C 72 4.92 33.86 -13.70
C HIS C 72 3.94 32.69 -13.81
N VAL C 73 3.43 32.45 -15.01
CA VAL C 73 2.39 31.44 -15.23
C VAL C 73 2.85 30.04 -14.83
N SER C 74 4.18 29.81 -14.83
CA SER C 74 4.74 28.53 -14.43
C SER C 74 4.48 28.24 -12.95
N PHE C 75 4.30 29.30 -12.16
CA PHE C 75 4.01 29.17 -10.74
C PHE C 75 2.52 28.99 -10.49
N ILE C 76 1.77 28.88 -11.56
CA ILE C 76 0.35 28.70 -11.40
C ILE C 76 -0.14 27.40 -11.99
N ARG C 77 -1.13 26.83 -11.35
CA ARG C 77 -1.70 25.57 -11.81
C ARG C 77 -3.17 25.50 -11.40
N PRO C 78 -3.97 24.67 -12.09
CA PRO C 78 -5.36 24.53 -11.68
C PRO C 78 -5.45 23.72 -10.39
N VAL C 79 -6.54 23.87 -9.65
CA VAL C 79 -6.75 23.07 -8.45
C VAL C 79 -6.87 21.61 -8.83
N PRO C 80 -6.03 20.73 -8.19
CA PRO C 80 -6.20 19.32 -8.52
C PRO C 80 -7.58 18.81 -8.14
N PRO C 81 -8.16 17.92 -8.96
CA PRO C 81 -9.54 17.52 -8.65
C PRO C 81 -9.71 16.77 -7.34
N VAL C 82 -10.80 17.05 -6.66
CA VAL C 82 -11.07 16.42 -5.38
C VAL C 82 -11.65 15.00 -5.49
N GLU C 83 -11.10 14.08 -4.73
CA GLU C 83 -11.60 12.72 -4.67
C GLU C 83 -11.95 12.49 -3.22
N LYS C 84 -12.94 11.66 -2.95
CA LYS C 84 -13.23 11.33 -1.56
C LYS C 84 -12.34 10.16 -1.21
N ILE C 85 -11.62 10.29 -0.13
CA ILE C 85 -10.61 9.33 0.17
C ILE C 85 -10.93 8.80 1.51
N GLU C 86 -11.27 7.54 1.57
CA GLU C 86 -11.45 6.91 2.84
C GLU C 86 -10.19 6.75 3.62
N ARG C 87 -9.13 6.36 2.96
CA ARG C 87 -7.90 6.07 3.65
C ARG C 87 -6.64 6.18 2.80
N PHE C 88 -5.53 6.36 3.46
CA PHE C 88 -4.26 6.39 2.80
C PHE C 88 -3.42 5.21 3.26
N GLU C 89 -2.72 4.57 2.37
CA GLU C 89 -1.83 3.48 2.74
C GLU C 89 -0.46 4.03 3.09
N LEU C 90 0.31 3.28 3.85
CA LEU C 90 1.65 3.69 4.27
C LEU C 90 2.53 4.00 3.06
N TYR C 91 3.37 5.03 3.20
CA TYR C 91 4.31 5.49 2.16
C TYR C 91 3.63 6.16 0.96
N ASP C 92 2.35 6.45 1.08
CA ASP C 92 1.66 7.25 0.06
C ASP C 92 2.18 8.68 0.07
N VAL C 93 2.39 9.26 -1.11
CA VAL C 93 2.83 10.64 -1.19
C VAL C 93 1.61 11.55 -1.21
N VAL C 94 1.50 12.41 -0.20
CA VAL C 94 0.29 13.21 -0.03
C VAL C 94 0.58 14.70 0.08
N ASP C 95 -0.47 15.50 -0.08
CA ASP C 95 -0.45 16.91 0.27
C ASP C 95 -1.24 17.10 1.56
N ALA C 96 -0.62 17.78 2.51
CA ALA C 96 -1.25 18.11 3.79
C ALA C 96 -1.54 19.60 3.86
N PHE C 97 -2.79 19.95 4.18
CA PHE C 97 -3.13 21.35 4.38
C PHE C 97 -2.61 21.77 5.75
N HIS C 98 -1.49 22.47 5.76
CA HIS C 98 -0.85 22.95 6.98
C HIS C 98 -0.52 24.44 6.88
N LYS C 99 -0.85 25.18 7.94
CA LYS C 99 -0.61 26.61 8.02
C LYS C 99 -0.97 27.34 6.74
N ASP C 100 -2.22 27.12 6.30
CA ASP C 100 -2.80 27.81 5.14
C ASP C 100 -2.11 27.49 3.82
N GLY C 101 -1.39 26.38 3.76
CA GLY C 101 -0.72 25.99 2.53
C GLY C 101 -0.65 24.48 2.33
N TRP C 102 -0.61 24.05 1.07
CA TRP C 102 -0.47 22.63 0.77
C TRP C 102 1.00 22.19 0.81
N TRP C 103 1.31 21.25 1.70
CA TRP C 103 2.67 20.76 1.88
C TRP C 103 2.80 19.30 1.47
N THR C 104 3.69 19.04 0.52
CA THR C 104 3.90 17.68 0.03
C THR C 104 4.79 16.88 0.97
N GLY C 105 4.34 15.69 1.36
CA GLY C 105 5.12 14.82 2.23
C GLY C 105 4.77 13.36 2.04
N VAL C 106 5.34 12.50 2.89
CA VAL C 106 5.09 11.07 2.83
C VAL C 106 4.43 10.57 4.10
N VAL C 107 3.37 9.76 3.98
CA VAL C 107 2.77 9.18 5.17
C VAL C 107 3.68 8.07 5.68
N THR C 108 4.23 8.27 6.87
CA THR C 108 5.23 7.38 7.43
C THR C 108 4.68 6.52 8.56
N ARG C 109 3.42 6.76 8.93
CA ARG C 109 2.73 5.92 9.91
C ARG C 109 1.22 6.04 9.83
N VAL C 110 0.54 4.90 9.76
CA VAL C 110 -0.91 4.85 9.85
C VAL C 110 -1.29 4.78 11.32
N MET C 111 -2.28 5.57 11.74
CA MET C 111 -2.61 5.66 13.15
C MET C 111 -4.08 5.45 13.45
N GLU C 112 -4.39 5.42 14.74
CA GLU C 112 -5.76 5.30 15.22
C GLU C 112 -6.56 6.55 14.87
N ASP C 113 -7.89 6.40 14.87
CA ASP C 113 -8.82 7.51 14.65
C ASP C 113 -8.66 8.16 13.27
N SER C 114 -8.36 7.34 12.26
CA SER C 114 -8.20 7.81 10.88
C SER C 114 -7.19 8.95 10.76
N ARG C 115 -6.17 8.94 11.62
CA ARG C 115 -5.12 9.94 11.56
C ARG C 115 -3.84 9.34 11.00
N TYR C 116 -2.97 10.19 10.47
CA TYR C 116 -1.74 9.74 9.85
C TYR C 116 -0.56 10.61 10.26
N GLN C 117 0.60 9.97 10.43
CA GLN C 117 1.83 10.70 10.64
C GLN C 117 2.49 10.96 9.30
N VAL C 118 2.82 12.22 9.03
CA VAL C 118 3.42 12.61 7.77
C VAL C 118 4.80 13.22 7.97
N THR C 119 5.77 12.74 7.20
CA THR C 119 7.13 13.25 7.21
C THR C 119 7.39 14.13 6.00
N PHE C 120 7.90 15.33 6.27
CA PHE C 120 8.24 16.28 5.23
C PHE C 120 9.74 16.46 5.14
N ASP C 121 10.21 16.94 3.99
CA ASP C 121 11.64 17.21 3.81
C ASP C 121 11.82 18.64 3.28
N ASN C 122 13.01 19.18 3.47
CA ASN C 122 13.34 20.56 3.09
C ASN C 122 12.39 21.59 3.68
N PRO C 123 12.43 21.78 5.01
CA PRO C 123 13.24 21.08 6.00
C PRO C 123 12.58 19.80 6.50
N PRO C 124 13.38 18.83 6.98
CA PRO C 124 12.86 17.59 7.56
C PRO C 124 11.93 17.87 8.74
N ASP C 125 10.80 17.17 8.81
CA ASP C 125 9.85 17.35 9.92
C ASP C 125 8.84 16.22 9.98
N GLU C 126 8.13 16.11 11.11
CA GLU C 126 7.10 15.08 11.28
C GLU C 126 5.87 15.65 11.98
N LEU C 127 4.72 15.60 11.33
CA LEU C 127 3.48 16.12 11.91
C LEU C 127 2.30 15.18 11.67
N GLU C 128 1.31 15.23 12.55
CA GLU C 128 0.13 14.36 12.42
C GLU C 128 -1.09 15.09 11.85
N PHE C 129 -1.84 14.41 11.00
CA PHE C 129 -2.98 15.00 10.32
C PHE C 129 -4.19 14.07 10.33
N GLY C 130 -5.37 14.63 10.08
CA GLY C 130 -6.57 13.84 9.88
C GLY C 130 -6.76 13.58 8.40
N VAL C 131 -7.59 12.61 8.06
CA VAL C 131 -7.79 12.25 6.66
C VAL C 131 -8.49 13.37 5.88
N SER C 132 -9.09 14.31 6.60
CA SER C 132 -9.73 15.46 5.97
C SER C 132 -8.70 16.43 5.43
N GLU C 133 -7.56 16.52 6.13
CA GLU C 133 -6.53 17.50 5.83
C GLU C 133 -5.51 16.99 4.81
N LEU C 134 -5.85 15.92 4.10
CA LEU C 134 -4.90 15.31 3.17
C LEU C 134 -5.50 15.04 1.79
N ARG C 135 -4.63 14.93 0.79
CA ARG C 135 -5.03 14.50 -0.54
C ARG C 135 -3.85 13.79 -1.20
N PHE C 136 -4.09 13.13 -2.33
CA PHE C 136 -2.99 12.51 -3.06
C PHE C 136 -2.16 13.57 -3.76
N HIS C 137 -0.86 13.53 -3.55
CA HIS C 137 0.05 14.47 -4.21
C HIS C 137 0.08 14.22 -5.71
N GLN C 138 -0.18 15.28 -6.48
CA GLN C 138 -0.12 15.20 -7.93
C GLN C 138 0.69 16.38 -8.46
N LYS C 139 1.32 16.20 -9.62
CA LYS C 139 2.11 17.26 -10.22
C LYS C 139 1.51 17.71 -11.54
N TRP C 140 1.62 19.00 -11.84
CA TRP C 140 1.05 19.56 -13.06
C TRP C 140 2.11 19.63 -14.15
N VAL C 141 2.19 18.59 -14.97
CA VAL C 141 3.22 18.49 -16.00
C VAL C 141 2.64 18.49 -17.41
N LYS C 142 3.04 19.48 -18.21
CA LYS C 142 2.62 19.61 -19.61
C LYS C 142 1.10 19.61 -19.79
N GLY C 143 0.37 20.07 -18.78
CA GLY C 143 -1.07 20.17 -18.87
C GLY C 143 -1.79 18.92 -18.38
N LYS C 144 -1.03 18.00 -17.78
CA LYS C 144 -1.63 16.78 -17.27
C LYS C 144 -1.32 16.63 -15.78
N TRP C 145 -2.11 15.83 -15.08
CA TRP C 145 -1.86 15.54 -13.68
C TRP C 145 -1.14 14.20 -13.52
N VAL C 146 0.05 14.26 -12.93
CA VAL C 146 0.93 13.10 -12.84
C VAL C 146 1.31 12.77 -11.40
N ARG C 147 0.92 11.58 -10.96
CA ARG C 147 1.30 11.09 -9.64
C ARG C 147 2.69 10.45 -9.69
N PRO C 148 3.38 10.38 -8.54
CA PRO C 148 4.65 9.64 -8.48
C PRO C 148 4.43 8.16 -8.78
N GLY C 149 5.42 7.52 -9.42
CA GLY C 149 5.31 6.12 -9.79
C GLY C 149 5.01 5.22 -8.61
N LYS C 150 3.99 4.37 -8.77
CA LYS C 150 3.56 3.48 -7.70
C LYS C 150 4.57 2.37 -7.43
N GLN C 151 4.83 2.13 -6.15
CA GLN C 151 5.75 1.07 -5.75
C GLN C 151 5.00 -0.03 -5.00
N ARG D 2 -1.56 33.96 9.19
CA ARG D 2 -2.07 34.04 7.83
C ARG D 2 -1.31 35.12 7.07
N THR D 3 -0.15 35.47 7.62
CA THR D 3 0.84 36.32 7.01
C THR D 3 1.82 35.40 6.28
N LYS D 4 2.26 35.78 5.08
CA LYS D 4 2.97 34.85 4.22
C LYS D 4 4.29 34.42 4.87
N GLN D 5 4.85 35.24 5.75
CA GLN D 5 6.06 34.78 6.43
C GLN D 5 5.69 33.99 7.69
N THR D 6 4.43 34.01 8.08
CA THR D 6 3.97 33.05 9.09
C THR D 6 3.82 31.70 8.42
N ALA D 7 3.56 31.72 7.11
CA ALA D 7 3.41 30.50 6.33
C ALA D 7 4.75 29.77 6.18
N ARG D 8 5.84 30.52 6.04
CA ARG D 8 7.17 29.92 5.96
C ARG D 8 7.48 29.22 7.27
N MLY D 9 8.28 28.16 7.21
CA MLY D 9 8.51 27.33 8.39
CB MLY D 9 8.21 25.86 8.08
CG MLY D 9 7.71 25.07 9.27
CD MLY D 9 7.72 23.57 8.98
CE MLY D 9 6.98 23.24 7.69
NZ MLY D 9 6.91 21.76 7.48
CH1 MLY D 9 5.59 21.48 6.90
CH2 MLY D 9 7.91 21.43 6.45
C MLY D 9 9.92 27.47 8.95
O MLY D 9 10.11 27.63 10.15
N SER D 10 10.92 27.40 8.06
CA SER D 10 12.32 27.41 8.44
C SER D 10 12.71 28.61 9.30
N SER E 11 21.73 12.11 -7.62
CA SER E 11 22.17 11.14 -6.61
C SER E 11 22.50 9.83 -7.32
N HIS E 12 21.47 9.17 -7.85
CA HIS E 12 21.64 7.92 -8.60
C HIS E 12 21.34 8.14 -10.07
N ILE E 13 20.94 9.36 -10.39
CA ILE E 13 20.61 9.77 -11.75
C ILE E 13 21.91 10.22 -12.42
N ALA E 14 22.90 9.34 -12.38
CA ALA E 14 24.19 9.64 -12.98
C ALA E 14 24.34 8.83 -14.26
N LYS E 15 24.81 9.48 -15.31
CA LYS E 15 25.02 8.85 -16.60
C LYS E 15 25.83 7.57 -16.47
N GLY E 16 25.20 6.44 -16.73
CA GLY E 16 25.88 5.15 -16.66
C GLY E 16 25.39 4.30 -15.52
N SER E 17 24.56 4.89 -14.66
CA SER E 17 24.04 4.17 -13.50
C SER E 17 22.83 3.31 -13.89
N ILE E 18 22.76 2.12 -13.31
CA ILE E 18 21.64 1.22 -13.54
C ILE E 18 20.45 1.65 -12.71
N VAL E 19 19.25 1.59 -13.30
CA VAL E 19 18.04 2.07 -12.66
C VAL E 19 16.84 1.17 -12.94
N GLU E 20 15.72 1.47 -12.29
CA GLU E 20 14.43 0.88 -12.64
C GLU E 20 13.44 2.00 -12.91
N VAL E 21 12.64 1.83 -13.96
CA VAL E 21 11.70 2.85 -14.37
C VAL E 21 10.28 2.31 -14.43
N THR E 22 9.30 3.20 -14.32
CA THR E 22 7.91 2.82 -14.43
C THR E 22 7.14 3.85 -15.24
N SER E 23 5.83 3.66 -15.35
CA SER E 23 4.98 4.59 -16.09
C SER E 23 3.61 4.62 -15.42
N ASP E 24 2.89 5.72 -15.61
CA ASP E 24 1.54 5.81 -15.05
C ASP E 24 0.50 5.58 -16.14
N GLU E 25 0.97 5.25 -17.34
CA GLU E 25 0.10 4.80 -18.41
C GLU E 25 -0.63 3.55 -17.94
N GLU E 26 -1.92 3.47 -18.23
CA GLU E 26 -2.72 2.33 -17.78
C GLU E 26 -2.14 1.05 -18.36
N GLY E 27 -1.98 0.05 -17.50
CA GLY E 27 -1.43 -1.24 -17.90
C GLY E 27 0.03 -1.36 -17.55
N PHE E 28 0.62 -0.24 -17.09
CA PHE E 28 2.03 -0.22 -16.71
C PHE E 28 2.22 0.23 -15.26
N LYS E 29 1.10 0.47 -14.59
CA LYS E 29 1.14 1.03 -13.25
C LYS E 29 1.46 -0.05 -12.22
N GLY E 30 2.63 0.03 -11.60
CA GLY E 30 3.07 -0.95 -10.64
C GLY E 30 4.17 -1.84 -11.19
N VAL E 31 4.54 -1.60 -12.45
CA VAL E 31 5.58 -2.37 -13.11
C VAL E 31 6.88 -1.62 -13.13
N TRP E 32 7.96 -2.31 -12.82
CA TRP E 32 9.28 -1.69 -12.85
C TRP E 32 10.21 -2.43 -13.80
N PHE E 33 10.71 -1.71 -14.78
CA PHE E 33 11.61 -2.27 -15.79
C PHE E 33 13.04 -1.85 -15.51
N GLU E 34 13.99 -2.75 -15.73
CA GLU E 34 15.39 -2.42 -15.55
C GLU E 34 15.90 -1.62 -16.75
N ALA E 35 16.75 -0.64 -16.50
CA ALA E 35 17.29 0.21 -17.56
C ALA E 35 18.60 0.86 -17.14
N THR E 36 19.22 1.58 -18.06
CA THR E 36 20.50 2.26 -17.80
C THR E 36 20.39 3.73 -18.18
N VAL E 37 20.96 4.61 -17.37
CA VAL E 37 20.88 6.05 -17.63
C VAL E 37 21.92 6.51 -18.65
N LEU E 38 21.42 7.03 -19.78
CA LEU E 38 22.26 7.61 -20.82
C LEU E 38 22.64 9.05 -20.48
N GLY E 39 21.68 9.83 -20.02
CA GLY E 39 21.88 11.18 -19.63
C GLY E 39 20.77 11.72 -18.79
N ALA E 40 20.98 12.85 -18.14
CA ALA E 40 19.94 13.46 -17.35
C ALA E 40 19.97 14.98 -17.42
N SER E 41 18.86 15.58 -17.09
CA SER E 41 18.75 17.01 -16.95
C SER E 41 19.64 17.39 -15.80
N SER E 42 20.18 18.61 -15.86
CA SER E 42 21.03 19.12 -14.78
C SER E 42 20.22 19.09 -13.48
N PRO E 43 20.85 18.65 -12.35
CA PRO E 43 20.00 18.55 -11.16
C PRO E 43 19.59 19.91 -10.69
N GLY E 44 19.84 20.91 -11.51
CA GLY E 44 19.49 22.25 -11.15
C GLY E 44 18.02 22.57 -11.25
N SER E 45 17.46 22.65 -12.46
CA SER E 45 16.07 23.11 -12.61
C SER E 45 15.18 22.69 -13.76
N LYS E 46 13.91 23.03 -13.57
CA LYS E 46 12.84 22.70 -14.50
C LYS E 46 12.54 21.27 -14.24
N SER E 47 11.67 20.65 -15.01
CA SER E 47 11.18 19.33 -14.62
C SER E 47 12.15 18.27 -15.08
N LYS E 48 12.93 17.77 -14.14
CA LYS E 48 14.08 16.97 -14.44
C LYS E 48 13.72 15.68 -15.12
N GLU E 49 14.54 15.31 -16.09
CA GLU E 49 14.26 14.29 -17.04
C GLU E 49 15.43 13.38 -17.12
N VAL E 50 15.16 12.12 -17.37
CA VAL E 50 16.19 11.14 -17.46
C VAL E 50 16.03 10.41 -18.76
N TRP E 51 17.14 10.23 -19.46
CA TRP E 51 17.18 9.47 -20.70
C TRP E 51 17.64 8.06 -20.38
N VAL E 52 16.85 7.05 -20.72
CA VAL E 52 17.16 5.68 -20.32
C VAL E 52 17.08 4.68 -21.46
N GLU E 53 17.92 3.65 -21.36
CA GLU E 53 17.91 2.52 -22.28
C GLU E 53 17.49 1.25 -21.55
N TYR E 54 16.34 0.71 -21.91
CA TYR E 54 15.81 -0.49 -21.27
C TYR E 54 16.72 -1.70 -21.48
N LYS E 55 16.78 -2.58 -20.47
CA LYS E 55 17.58 -3.78 -20.57
C LYS E 55 16.88 -4.89 -21.35
N SER E 56 15.59 -5.08 -21.08
CA SER E 56 14.84 -6.18 -21.69
C SER E 56 13.69 -5.73 -22.58
N ILE E 57 13.53 -4.43 -22.76
CA ILE E 57 12.49 -3.92 -23.67
C ILE E 57 13.13 -3.41 -24.96
N VAL E 58 12.55 -3.77 -26.09
CA VAL E 58 13.06 -3.34 -27.38
C VAL E 58 12.12 -2.32 -28.02
N ALA E 59 12.66 -1.52 -28.93
CA ALA E 59 11.92 -0.41 -29.52
C ALA E 59 10.80 -0.88 -30.44
N GLU E 60 11.12 -1.71 -31.43
CA GLU E 60 10.12 -2.18 -32.38
C GLU E 60 9.99 -3.70 -32.36
N GLU E 61 8.98 -4.22 -33.01
CA GLU E 61 8.49 -5.58 -32.80
C GLU E 61 9.43 -6.71 -33.02
N ASN E 62 10.30 -6.60 -34.01
CA ASN E 62 11.11 -7.73 -34.38
C ASN E 62 12.48 -7.75 -33.79
N GLY E 63 12.64 -6.97 -32.74
CA GLY E 63 13.76 -7.07 -31.83
C GLY E 63 14.98 -6.24 -32.09
N SER E 64 16.07 -6.72 -31.55
CA SER E 64 17.37 -6.12 -31.66
C SER E 64 17.64 -4.86 -30.84
N GLU E 65 17.08 -3.74 -31.24
CA GLU E 65 17.37 -2.46 -30.58
C GLU E 65 16.68 -2.23 -29.24
N PRO E 66 17.46 -1.96 -28.15
CA PRO E 66 16.70 -1.72 -26.91
C PRO E 66 15.91 -0.42 -26.93
N LEU E 67 14.81 -0.37 -26.21
CA LEU E 67 13.98 0.81 -26.16
C LEU E 67 14.68 1.94 -25.38
N LYS E 68 14.52 3.16 -25.86
CA LYS E 68 15.03 4.33 -25.14
C LYS E 68 13.88 5.31 -24.87
N GLU E 69 13.89 5.91 -23.68
CA GLU E 69 12.83 6.86 -23.34
C GLU E 69 13.34 8.03 -22.50
N VAL E 70 12.67 9.17 -22.64
CA VAL E 70 12.88 10.29 -21.74
C VAL E 70 11.74 10.33 -20.73
N LEU E 71 12.07 10.19 -19.45
CA LEU E 71 11.06 10.12 -18.40
C LEU E 71 11.23 11.23 -17.35
N HIS E 72 10.17 11.52 -16.63
CA HIS E 72 10.29 12.39 -15.46
C HIS E 72 10.99 11.59 -14.37
N VAL E 73 11.79 12.26 -13.56
CA VAL E 73 12.57 11.59 -12.53
C VAL E 73 11.67 10.91 -11.48
N SER E 74 10.39 11.28 -11.48
CA SER E 74 9.43 10.70 -10.54
C SER E 74 9.13 9.24 -10.87
N PHE E 75 9.57 8.79 -12.04
CA PHE E 75 9.36 7.41 -12.47
C PHE E 75 10.65 6.58 -12.43
N ILE E 76 11.69 7.14 -11.83
CA ILE E 76 12.98 6.46 -11.78
C ILE E 76 13.40 6.20 -10.34
N ARG E 77 14.12 5.10 -10.13
CA ARG E 77 14.61 4.72 -8.81
C ARG E 77 15.82 3.81 -8.98
N PRO E 78 16.55 3.58 -7.92
CA PRO E 78 17.71 2.69 -7.98
C PRO E 78 17.28 1.26 -8.09
N VAL E 79 18.15 0.36 -8.52
CA VAL E 79 17.82 -1.07 -8.56
C VAL E 79 17.96 -1.67 -7.16
N PRO E 80 16.93 -2.40 -6.69
CA PRO E 80 17.02 -3.06 -5.38
C PRO E 80 18.21 -4.00 -5.32
N PRO E 81 19.07 -3.81 -4.31
CA PRO E 81 20.26 -4.67 -4.17
C PRO E 81 19.87 -6.13 -4.12
N VAL E 82 20.49 -6.95 -4.95
CA VAL E 82 20.15 -8.35 -4.98
C VAL E 82 20.45 -8.98 -3.63
N GLU E 83 19.59 -9.87 -3.18
CA GLU E 83 19.70 -10.42 -1.85
C GLU E 83 19.96 -11.90 -1.75
N LYS E 84 20.09 -12.60 -2.85
CA LYS E 84 20.47 -14.02 -2.78
C LYS E 84 19.58 -14.93 -1.91
N ILE E 85 18.28 -14.90 -2.13
CA ILE E 85 17.37 -15.66 -1.30
C ILE E 85 17.33 -17.12 -1.61
N GLU E 86 17.52 -17.91 -0.56
CA GLU E 86 17.39 -19.34 -0.66
C GLU E 86 15.97 -19.83 -0.89
N ARG E 87 15.02 -19.26 -0.16
CA ARG E 87 13.64 -19.72 -0.23
C ARG E 87 12.68 -18.69 0.29
N PHE E 88 11.40 -18.84 0.00
CA PHE E 88 10.42 -17.85 0.44
C PHE E 88 9.33 -18.45 1.32
N GLU E 89 8.86 -17.71 2.29
CA GLU E 89 7.81 -18.20 3.16
C GLU E 89 6.44 -17.86 2.58
N LEU E 90 5.43 -18.60 3.01
CA LEU E 90 4.06 -18.32 2.60
C LEU E 90 3.66 -16.93 3.08
N TYR E 91 2.93 -16.21 2.23
CA TYR E 91 2.44 -14.85 2.50
C TYR E 91 3.53 -13.77 2.44
N ASP E 92 4.74 -14.15 2.03
CA ASP E 92 5.78 -13.15 1.77
C ASP E 92 5.36 -12.25 0.62
N VAL E 93 5.51 -10.94 0.79
CA VAL E 93 5.23 -10.03 -0.32
C VAL E 93 6.49 -9.94 -1.18
N VAL E 94 6.33 -10.16 -2.49
CA VAL E 94 7.47 -10.25 -3.38
C VAL E 94 7.29 -9.50 -4.68
N ASP E 95 8.39 -9.28 -5.37
CA ASP E 95 8.38 -8.86 -6.77
C ASP E 95 8.76 -10.06 -7.62
N ALA E 96 8.03 -10.26 -8.71
CA ALA E 96 8.24 -11.37 -9.63
C ALA E 96 8.64 -10.84 -11.00
N PHE E 97 9.67 -11.44 -11.58
CA PHE E 97 10.10 -11.03 -12.91
C PHE E 97 9.24 -11.72 -13.95
N HIS E 98 8.21 -11.01 -14.38
CA HIS E 98 7.23 -11.52 -15.34
C HIS E 98 7.12 -10.57 -16.52
N LYS E 99 7.13 -11.11 -17.73
CA LYS E 99 7.05 -10.32 -18.96
C LYS E 99 8.10 -9.21 -18.97
N ASP E 100 9.32 -9.57 -18.58
CA ASP E 100 10.45 -8.65 -18.57
C ASP E 100 10.22 -7.42 -17.69
N GLY E 101 9.34 -7.55 -16.70
CA GLY E 101 9.12 -6.48 -15.74
C GLY E 101 8.97 -7.02 -14.32
N TRP E 102 9.10 -6.15 -13.33
CA TRP E 102 8.94 -6.56 -11.94
C TRP E 102 7.53 -6.25 -11.45
N TRP E 103 6.82 -7.28 -11.02
CA TRP E 103 5.44 -7.14 -10.54
C TRP E 103 5.32 -7.47 -9.06
N THR E 104 4.60 -6.63 -8.31
CA THR E 104 4.43 -6.88 -6.88
C THR E 104 3.19 -7.74 -6.60
N GLY E 105 3.40 -8.85 -5.90
CA GLY E 105 2.32 -9.73 -5.52
C GLY E 105 2.63 -10.40 -4.19
N VAL E 106 1.78 -11.34 -3.79
CA VAL E 106 2.00 -12.03 -2.51
C VAL E 106 2.05 -13.55 -2.69
N VAL E 107 2.97 -14.22 -1.98
CA VAL E 107 3.07 -15.68 -2.05
C VAL E 107 1.83 -16.35 -1.45
N THR E 108 1.09 -17.08 -2.27
CA THR E 108 -0.16 -17.70 -1.87
C THR E 108 -0.05 -19.21 -1.69
N ARG E 109 1.00 -19.80 -2.23
CA ARG E 109 1.26 -21.23 -2.04
C ARG E 109 2.73 -21.56 -2.19
N VAL E 110 3.28 -22.29 -1.23
CA VAL E 110 4.64 -22.80 -1.34
C VAL E 110 4.62 -24.19 -1.97
N MET E 111 5.14 -24.30 -3.18
CA MET E 111 5.05 -25.53 -3.95
C MET E 111 6.33 -26.36 -3.94
N GLU E 112 6.30 -27.46 -4.67
CA GLU E 112 7.43 -28.38 -4.77
C GLU E 112 8.56 -27.81 -5.61
N ASP E 113 9.73 -28.44 -5.49
CA ASP E 113 10.89 -28.13 -6.30
C ASP E 113 11.25 -26.64 -6.23
N SER E 114 11.09 -26.08 -5.02
CA SER E 114 11.43 -24.69 -4.75
C SER E 114 10.66 -23.72 -5.66
N ARG E 115 9.42 -24.04 -6.00
CA ARG E 115 8.62 -23.13 -6.82
C ARG E 115 7.48 -22.55 -6.01
N TYR E 116 6.97 -21.39 -6.43
CA TYR E 116 5.96 -20.68 -5.64
C TYR E 116 4.76 -20.21 -6.45
N GLN E 117 3.64 -20.00 -5.77
CA GLN E 117 2.48 -19.35 -6.39
C GLN E 117 2.41 -17.92 -5.87
N VAL E 118 2.23 -16.95 -6.78
CA VAL E 118 2.13 -15.56 -6.40
C VAL E 118 0.84 -14.97 -6.94
N THR E 119 0.16 -14.19 -6.10
CA THR E 119 -1.10 -13.57 -6.46
C THR E 119 -0.96 -12.07 -6.61
N PHE E 120 -1.36 -11.58 -7.78
CA PHE E 120 -1.32 -10.17 -8.14
C PHE E 120 -2.73 -9.62 -8.23
N ASP E 121 -2.85 -8.30 -8.12
CA ASP E 121 -4.11 -7.63 -8.37
C ASP E 121 -3.95 -6.64 -9.52
N ASN E 122 -5.06 -6.10 -10.00
CA ASN E 122 -5.07 -5.09 -11.07
C ASN E 122 -4.24 -5.48 -12.29
N PRO E 123 -4.69 -6.48 -13.05
CA PRO E 123 -5.85 -7.34 -12.81
C PRO E 123 -5.51 -8.51 -11.89
N PRO E 124 -6.52 -9.08 -11.21
CA PRO E 124 -6.32 -10.25 -10.35
C PRO E 124 -5.76 -11.43 -11.12
N ASP E 125 -4.68 -12.04 -10.63
CA ASP E 125 -4.13 -13.21 -11.31
C ASP E 125 -3.26 -14.03 -10.36
N GLU E 126 -3.09 -15.32 -10.69
CA GLU E 126 -2.22 -16.20 -9.92
C GLU E 126 -1.23 -16.86 -10.86
N LEU E 127 0.06 -16.72 -10.58
CA LEU E 127 1.08 -17.28 -11.45
C LEU E 127 2.12 -18.06 -10.67
N GLU E 128 2.74 -19.05 -11.31
CA GLU E 128 3.76 -19.81 -10.62
C GLU E 128 5.15 -19.39 -11.09
N PHE E 129 6.08 -19.28 -10.14
CA PHE E 129 7.42 -18.80 -10.45
C PHE E 129 8.52 -19.66 -9.85
N GLY E 130 9.71 -19.52 -10.42
CA GLY E 130 10.90 -20.09 -9.83
C GLY E 130 11.37 -19.23 -8.68
N VAL E 131 12.13 -19.81 -7.76
CA VAL E 131 12.71 -19.05 -6.68
C VAL E 131 13.68 -18.03 -7.25
N SER E 132 14.26 -18.35 -8.40
CA SER E 132 15.22 -17.48 -9.06
C SER E 132 14.54 -16.28 -9.74
N GLU E 133 13.23 -16.36 -9.91
CA GLU E 133 12.49 -15.30 -10.60
C GLU E 133 11.82 -14.34 -9.61
N LEU E 134 12.15 -14.49 -8.33
CA LEU E 134 11.51 -13.70 -7.27
C LEU E 134 12.52 -12.88 -6.47
N ARG E 135 12.03 -11.83 -5.83
CA ARG E 135 12.82 -11.06 -4.87
C ARG E 135 11.89 -10.48 -3.82
N PHE E 136 12.42 -10.07 -2.68
CA PHE E 136 11.58 -9.45 -1.67
C PHE E 136 11.11 -8.07 -2.13
N HIS E 137 9.83 -7.78 -1.93
CA HIS E 137 9.29 -6.49 -2.32
C HIS E 137 9.85 -5.41 -1.42
N GLN E 138 10.42 -4.37 -2.03
CA GLN E 138 10.91 -3.21 -1.29
C GLN E 138 10.50 -1.93 -2.00
N LYS E 139 10.31 -0.87 -1.23
CA LYS E 139 10.00 0.45 -1.79
C LYS E 139 11.16 1.41 -1.62
N TRP E 140 11.36 2.28 -2.61
CA TRP E 140 12.34 3.36 -2.50
C TRP E 140 11.65 4.58 -1.92
N VAL E 141 11.92 4.85 -0.65
CA VAL E 141 11.26 5.90 0.11
C VAL E 141 12.29 6.78 0.81
N LYS E 142 12.28 8.06 0.44
CA LYS E 142 13.16 9.06 1.04
C LYS E 142 14.62 8.61 1.09
N GLY E 143 15.11 8.09 -0.02
CA GLY E 143 16.50 7.71 -0.15
C GLY E 143 16.85 6.44 0.60
N LYS E 144 15.83 5.67 0.96
CA LYS E 144 16.06 4.40 1.64
C LYS E 144 15.19 3.29 1.07
N TRP E 145 15.74 2.08 0.99
CA TRP E 145 14.92 0.93 0.68
C TRP E 145 14.14 0.54 1.93
N VAL E 146 12.92 0.05 1.73
CA VAL E 146 12.09 -0.37 2.86
C VAL E 146 11.30 -1.63 2.53
N ARG E 147 11.40 -2.63 3.40
CA ARG E 147 10.53 -3.79 3.34
C ARG E 147 9.30 -3.53 4.21
N PRO E 148 8.15 -3.29 3.56
CA PRO E 148 6.90 -2.94 4.25
C PRO E 148 6.45 -3.99 5.27
N GLY E 149 5.84 -3.52 6.36
CA GLY E 149 5.25 -4.41 7.35
C GLY E 149 6.19 -4.85 8.44
N LYS E 150 7.45 -4.43 8.36
CA LYS E 150 8.47 -4.86 9.30
C LYS E 150 8.44 -4.03 10.58
N ALA F 1 13.19 -9.92 -23.76
CA ALA F 1 13.35 -9.15 -24.99
C ALA F 1 12.01 -9.03 -25.74
N ARG F 2 11.19 -8.09 -25.29
CA ARG F 2 9.89 -7.86 -25.92
C ARG F 2 9.62 -6.36 -26.05
N THR F 3 8.56 -6.01 -26.76
CA THR F 3 8.16 -4.62 -26.88
C THR F 3 7.39 -4.20 -25.64
N LYS F 4 7.27 -2.90 -25.42
CA LYS F 4 6.57 -2.37 -24.27
C LYS F 4 5.11 -2.81 -24.30
N GLN F 5 4.50 -2.77 -25.49
CA GLN F 5 3.10 -3.17 -25.67
C GLN F 5 2.86 -4.60 -25.20
N THR F 6 3.81 -5.49 -25.46
CA THR F 6 3.65 -6.90 -25.11
C THR F 6 4.12 -7.17 -23.68
N ALA F 7 4.56 -6.12 -23.00
CA ALA F 7 4.97 -6.25 -21.60
C ALA F 7 3.90 -5.71 -20.67
N ARG F 8 2.90 -5.05 -21.25
CA ARG F 8 1.86 -4.39 -20.48
C ARG F 8 0.79 -5.40 -20.06
N MLY F 9 -0.10 -5.01 -19.17
CA MLY F 9 -1.04 -5.96 -18.60
CB MLY F 9 -0.89 -6.01 -17.08
CG MLY F 9 -1.49 -7.26 -16.48
CD MLY F 9 -0.82 -7.63 -15.18
CE MLY F 9 0.32 -8.60 -15.39
NZ MLY F 9 0.94 -9.00 -14.09
CH1 MLY F 9 -0.14 -9.37 -13.15
CH2 MLY F 9 1.72 -10.20 -14.38
C MLY F 9 -2.49 -5.76 -19.00
O MLY F 9 -2.99 -4.63 -19.03
N SER F 10 -3.14 -6.90 -19.28
CA SER F 10 -4.54 -7.10 -19.72
C SER F 10 -4.51 -7.86 -21.04
#